data_3UJD
#
_entry.id   3UJD
#
_cell.length_a   89.227
_cell.length_b   44.064
_cell.length_c   76.974
_cell.angle_alpha   90.00
_cell.angle_beta   108.42
_cell.angle_gamma   90.00
#
_symmetry.space_group_name_H-M   'C 1 2 1'
#
loop_
_entity.id
_entity.type
_entity.pdbx_description
1 polymer 'Phosphoethanolamine N-methyltransferase'
2 non-polymer PHOSPHOCHOLINE
3 water water
#
_entity_poly.entity_id   1
_entity_poly.type   'polypeptide(L)'
_entity_poly.pdbx_seq_one_letter_code
;MTLIENLNSDKTFLENNQFTDEGVKVYEFIFGENYISSGGLEATKKILSDIELNENSKVLDIGSGLGGGCMYINEKYGAH
THGIDICSNIVNMANERVSGNNKIIFEANDILTKEFPENNFDLIYSRDAILHLSLENKNKLFQKCYKWLKPTGTLLITDY
CATEKENWDDEFKEYVKQRKYTLITVEEYADILTACNFKNVVSKDLSDYWNQLLEVEHKYLHENKEEFLKLFSEKKFISL
DDGWSRKIKDSKRKMQRWGYFKATKN
;
_entity_poly.pdbx_strand_id   A
#
# COMPACT_ATOMS: atom_id res chain seq x y z
N ASP A 10 4.33 -12.68 -12.20
CA ASP A 10 4.10 -11.32 -11.72
C ASP A 10 5.26 -10.85 -10.83
N LYS A 11 5.80 -11.78 -10.05
CA LYS A 11 6.96 -11.51 -9.21
C LYS A 11 8.11 -10.94 -10.04
N THR A 12 8.44 -11.62 -11.13
CA THR A 12 9.53 -11.18 -12.00
C THR A 12 9.27 -9.80 -12.59
N PHE A 13 8.05 -9.57 -13.06
CA PHE A 13 7.66 -8.27 -13.60
C PHE A 13 7.88 -7.14 -12.60
N LEU A 14 7.43 -7.32 -11.36
CA LEU A 14 7.59 -6.27 -10.36
C LEU A 14 9.05 -6.08 -9.97
N GLU A 15 9.78 -7.18 -9.76
CA GLU A 15 11.19 -7.12 -9.35
C GLU A 15 12.09 -6.49 -10.40
N ASN A 16 11.72 -6.61 -11.66
CA ASN A 16 12.58 -6.17 -12.76
C ASN A 16 12.21 -4.82 -13.34
N ASN A 17 11.12 -4.23 -12.84
CA ASN A 17 10.63 -2.98 -13.37
C ASN A 17 10.31 -1.97 -12.27
N GLN A 18 9.09 -1.89 -11.83
CA GLN A 18 8.71 -0.89 -10.84
C GLN A 18 9.50 -1.00 -9.54
N PHE A 19 9.81 -2.24 -9.13
CA PHE A 19 10.47 -2.45 -7.86
C PHE A 19 11.85 -3.11 -7.96
N THR A 20 12.63 -2.67 -8.94
CA THR A 20 14.06 -2.95 -8.90
C THR A 20 14.63 -2.35 -7.61
N ASP A 21 15.83 -2.78 -7.23
CA ASP A 21 16.45 -2.21 -6.03
C ASP A 21 16.48 -0.69 -6.11
N GLU A 22 16.89 -0.16 -7.26
CA GLU A 22 17.00 1.29 -7.41
C GLU A 22 15.65 1.97 -7.38
N GLY A 23 14.66 1.34 -8.00
CA GLY A 23 13.31 1.88 -8.02
C GLY A 23 12.76 2.00 -6.62
N VAL A 24 13.04 0.99 -5.80
CA VAL A 24 12.62 0.99 -4.40
C VAL A 24 13.29 2.12 -3.63
N LYS A 25 14.59 2.31 -3.85
CA LYS A 25 15.32 3.37 -3.16
C LYS A 25 14.86 4.77 -3.59
N VAL A 26 14.54 4.95 -4.87
CA VAL A 26 13.99 6.21 -5.33
C VAL A 26 12.65 6.50 -4.65
N TYR A 27 11.76 5.51 -4.62
CA TYR A 27 10.50 5.68 -3.92
C TYR A 27 10.70 5.99 -2.44
N GLU A 28 11.65 5.32 -1.77
CA GLU A 28 11.91 5.58 -0.36
C GLU A 28 12.37 7.02 -0.13
N PHE A 29 13.13 7.55 -1.08
CA PHE A 29 13.61 8.93 -0.94
C PHE A 29 12.44 9.88 -0.78
N ILE A 30 11.41 9.70 -1.61
CA ILE A 30 10.30 10.64 -1.65
C ILE A 30 9.19 10.32 -0.63
N PHE A 31 8.92 9.04 -0.40
CA PHE A 31 7.91 8.68 0.60
C PHE A 31 8.39 8.79 2.04
N GLY A 32 9.67 8.54 2.26
CA GLY A 32 10.23 8.59 3.59
C GLY A 32 10.84 7.27 4.03
N GLU A 33 11.76 7.35 4.98
CA GLU A 33 12.50 6.19 5.43
C GLU A 33 11.59 5.00 5.79
N ASN A 34 11.87 3.85 5.18
CA ASN A 34 11.15 2.61 5.42
C ASN A 34 9.80 2.51 4.74
N TYR A 35 9.50 3.45 3.84
CA TYR A 35 8.21 3.45 3.16
C TYR A 35 8.28 3.51 1.65
N ILE A 36 7.40 2.73 1.01
CA ILE A 36 7.11 2.91 -0.42
C ILE A 36 5.62 3.15 -0.64
N SER A 37 4.87 3.34 0.45
CA SER A 37 3.44 3.62 0.39
CA SER A 37 3.44 3.63 0.38
C SER A 37 3.14 5.13 0.48
N SER A 38 2.00 5.55 -0.07
CA SER A 38 1.64 6.97 -0.12
C SER A 38 1.68 7.62 1.24
N GLY A 39 2.30 8.79 1.33
CA GLY A 39 2.25 9.55 2.57
C GLY A 39 3.18 9.06 3.68
N GLY A 40 3.93 7.99 3.40
CA GLY A 40 4.88 7.45 4.34
C GLY A 40 4.38 7.41 5.78
N LEU A 41 5.20 7.93 6.69
CA LEU A 41 4.92 7.84 8.13
C LEU A 41 3.68 8.65 8.52
N GLU A 42 3.56 9.86 7.99
CA GLU A 42 2.44 10.71 8.38
C GLU A 42 1.07 10.10 8.02
N ALA A 43 0.96 9.51 6.83
CA ALA A 43 -0.29 8.86 6.46
C ALA A 43 -0.55 7.63 7.33
N THR A 44 0.51 6.90 7.66
CA THR A 44 0.39 5.74 8.54
C THR A 44 -0.19 6.14 9.89
N LYS A 45 0.33 7.22 10.46
CA LYS A 45 -0.20 7.69 11.74
C LYS A 45 -1.68 8.01 11.64
N LYS A 46 -2.07 8.69 10.56
CA LYS A 46 -3.47 9.08 10.40
C LYS A 46 -4.39 7.87 10.21
N ILE A 47 -3.96 6.95 9.34
CA ILE A 47 -4.77 5.79 8.99
C ILE A 47 -5.01 4.87 10.19
N LEU A 48 -4.06 4.86 11.13
CA LEU A 48 -4.17 3.98 12.29
CA LEU A 48 -4.16 3.98 12.30
C LEU A 48 -4.68 4.72 13.53
N SER A 49 -5.06 5.97 13.37
CA SER A 49 -5.39 6.82 14.51
CA SER A 49 -5.40 6.82 14.50
C SER A 49 -6.60 6.32 15.32
N ASP A 50 -7.51 5.59 14.66
CA ASP A 50 -8.69 5.08 15.34
C ASP A 50 -8.66 3.56 15.50
N ILE A 51 -7.49 2.96 15.34
CA ILE A 51 -7.37 1.52 15.44
C ILE A 51 -6.82 1.13 16.81
N GLU A 52 -7.45 0.13 17.42
CA GLU A 52 -7.07 -0.33 18.75
C GLU A 52 -6.50 -1.75 18.70
N LEU A 53 -5.28 -1.91 19.18
CA LEU A 53 -4.59 -3.18 19.23
C LEU A 53 -3.76 -3.21 20.49
N ASN A 54 -3.26 -4.37 20.85
CA ASN A 54 -2.33 -4.45 21.98
C ASN A 54 -1.27 -5.52 21.77
N GLU A 55 -0.53 -5.81 22.83
CA GLU A 55 0.62 -6.68 22.73
C GLU A 55 0.22 -8.12 22.35
N ASN A 56 -1.06 -8.43 22.49
CA ASN A 56 -1.55 -9.77 22.19
C ASN A 56 -2.16 -9.88 20.79
N SER A 57 -2.24 -8.76 20.10
CA SER A 57 -2.82 -8.71 18.76
C SER A 57 -1.92 -9.36 17.71
N LYS A 58 -2.53 -9.94 16.68
CA LYS A 58 -1.80 -10.46 15.52
C LYS A 58 -2.23 -9.68 14.27
N VAL A 59 -1.25 -9.14 13.56
CA VAL A 59 -1.51 -8.32 12.40
C VAL A 59 -0.86 -8.93 11.16
N LEU A 60 -1.58 -8.89 10.04
CA LEU A 60 -1.03 -9.24 8.73
C LEU A 60 -0.94 -7.98 7.88
N ASP A 61 0.24 -7.72 7.29
CA ASP A 61 0.40 -6.60 6.37
C ASP A 61 0.62 -7.15 4.95
N ILE A 62 -0.36 -6.95 4.08
CA ILE A 62 -0.27 -7.46 2.72
C ILE A 62 0.36 -6.40 1.82
N GLY A 63 1.57 -6.69 1.37
CA GLY A 63 2.36 -5.75 0.59
C GLY A 63 3.21 -4.91 1.51
N SER A 64 3.98 -5.57 2.37
CA SER A 64 4.65 -4.91 3.48
C SER A 64 5.83 -4.00 3.07
N GLY A 65 6.29 -4.11 1.83
CA GLY A 65 7.28 -3.17 1.32
C GLY A 65 8.55 -3.10 2.15
N LEU A 66 8.97 -1.88 2.48
CA LEU A 66 10.19 -1.71 3.25
C LEU A 66 10.00 -1.89 4.75
N GLY A 67 8.75 -2.13 5.16
CA GLY A 67 8.48 -2.58 6.52
C GLY A 67 8.08 -1.50 7.50
N GLY A 68 8.10 -0.24 7.06
CA GLY A 68 7.75 0.88 7.91
C GLY A 68 6.41 0.77 8.62
N GLY A 69 5.40 0.28 7.91
CA GLY A 69 4.08 0.07 8.50
C GLY A 69 4.10 -0.93 9.64
N CYS A 70 4.74 -2.08 9.44
CA CYS A 70 4.88 -3.08 10.50
C CYS A 70 5.68 -2.54 11.69
N MET A 71 6.77 -1.81 11.40
CA MET A 71 7.56 -1.20 12.46
C MET A 71 6.71 -0.26 13.30
N TYR A 72 5.89 0.54 12.64
CA TYR A 72 5.05 1.51 13.34
C TYR A 72 3.99 0.81 14.18
N ILE A 73 3.34 -0.19 13.61
CA ILE A 73 2.31 -0.92 14.33
C ILE A 73 2.88 -1.64 15.55
N ASN A 74 4.04 -2.27 15.38
CA ASN A 74 4.67 -2.90 16.52
C ASN A 74 5.11 -1.88 17.58
N GLU A 75 5.62 -0.74 17.14
CA GLU A 75 6.04 0.31 18.08
C GLU A 75 4.86 0.89 18.85
N LYS A 76 3.76 1.15 18.16
CA LYS A 76 2.62 1.84 18.76
C LYS A 76 1.87 0.90 19.70
N TYR A 77 1.72 -0.35 19.29
CA TYR A 77 0.83 -1.26 19.98
C TYR A 77 1.52 -2.45 20.65
N GLY A 78 2.74 -2.76 20.21
CA GLY A 78 3.40 -3.97 20.69
C GLY A 78 2.85 -5.24 20.04
N ALA A 79 2.07 -5.07 18.98
CA ALA A 79 1.44 -6.20 18.30
C ALA A 79 2.42 -7.07 17.53
N HIS A 80 2.08 -8.34 17.35
CA HIS A 80 2.81 -9.22 16.47
CA HIS A 80 2.86 -9.19 16.46
C HIS A 80 2.48 -8.81 15.04
N THR A 81 3.48 -8.54 14.21
CA THR A 81 3.23 -8.15 12.83
CA THR A 81 3.21 -8.17 12.83
C THR A 81 3.92 -9.09 11.84
N HIS A 82 3.16 -9.56 10.86
CA HIS A 82 3.66 -10.46 9.82
C HIS A 82 3.42 -9.79 8.47
N GLY A 83 4.48 -9.38 7.80
CA GLY A 83 4.35 -8.74 6.50
C GLY A 83 4.64 -9.73 5.39
N ILE A 84 3.85 -9.67 4.33
CA ILE A 84 4.08 -10.48 3.15
C ILE A 84 4.24 -9.57 1.96
N ASP A 85 5.25 -9.85 1.14
CA ASP A 85 5.46 -9.10 -0.10
C ASP A 85 5.99 -10.09 -1.12
N ILE A 86 5.54 -9.95 -2.37
CA ILE A 86 5.96 -10.91 -3.39
C ILE A 86 7.40 -10.69 -3.86
N CYS A 87 7.90 -9.46 -3.71
CA CYS A 87 9.24 -9.12 -4.18
C CYS A 87 10.31 -9.50 -3.16
N SER A 88 11.16 -10.46 -3.54
CA SER A 88 12.19 -10.97 -2.64
CA SER A 88 12.16 -10.97 -2.62
C SER A 88 13.21 -9.90 -2.27
N ASN A 89 13.58 -9.06 -3.24
CA ASN A 89 14.54 -8.02 -2.97
C ASN A 89 14.04 -7.01 -1.92
N ILE A 90 12.77 -6.63 -1.99
CA ILE A 90 12.23 -5.69 -1.03
C ILE A 90 12.15 -6.31 0.37
N VAL A 91 11.74 -7.57 0.45
CA VAL A 91 11.73 -8.28 1.72
C VAL A 91 13.14 -8.35 2.32
N ASN A 92 14.14 -8.60 1.48
CA ASN A 92 15.51 -8.60 1.96
C ASN A 92 15.89 -7.25 2.55
N MET A 93 15.48 -6.17 1.88
CA MET A 93 15.75 -4.84 2.39
C MET A 93 15.04 -4.59 3.71
N ALA A 94 13.78 -5.01 3.81
CA ALA A 94 13.00 -4.84 5.04
C ALA A 94 13.69 -5.56 6.18
N ASN A 95 14.19 -6.76 5.92
CA ASN A 95 14.81 -7.56 6.96
C ASN A 95 16.11 -6.96 7.44
N GLU A 96 16.72 -6.10 6.63
CA GLU A 96 17.95 -5.42 7.03
C GLU A 96 17.70 -4.29 8.03
N ARG A 97 16.47 -3.81 8.10
CA ARG A 97 16.14 -2.62 8.89
C ARG A 97 15.55 -2.94 10.25
N VAL A 98 15.36 -4.23 10.53
CA VAL A 98 14.83 -4.67 11.82
CA VAL A 98 14.85 -4.65 11.82
C VAL A 98 15.72 -5.76 12.37
N SER A 99 16.07 -5.65 13.65
CA SER A 99 16.83 -6.71 14.27
C SER A 99 16.41 -6.86 15.72
N GLY A 100 16.56 -8.08 16.25
CA GLY A 100 16.32 -8.34 17.65
C GLY A 100 14.86 -8.24 18.06
N ASN A 101 13.95 -8.25 17.08
CA ASN A 101 12.53 -8.12 17.37
C ASN A 101 11.75 -9.36 16.93
N ASN A 102 11.41 -10.23 17.87
CA ASN A 102 10.74 -11.48 17.53
C ASN A 102 9.25 -11.32 17.23
N LYS A 103 8.78 -10.08 17.22
CA LYS A 103 7.38 -9.83 16.90
C LYS A 103 7.18 -9.15 15.55
N ILE A 104 8.24 -9.07 14.76
CA ILE A 104 8.12 -8.57 13.39
C ILE A 104 8.71 -9.64 12.46
N ILE A 105 7.92 -10.06 11.49
CA ILE A 105 8.34 -11.05 10.50
C ILE A 105 8.04 -10.49 9.13
N PHE A 106 9.03 -10.57 8.23
CA PHE A 106 8.82 -10.23 6.83
C PHE A 106 9.06 -11.46 5.99
N GLU A 107 8.09 -11.79 5.13
CA GLU A 107 8.16 -13.00 4.34
C GLU A 107 7.92 -12.71 2.87
N ALA A 108 8.81 -13.21 2.01
CA ALA A 108 8.59 -13.14 0.57
C ALA A 108 7.71 -14.30 0.13
N ASN A 109 6.50 -13.99 -0.37
CA ASN A 109 5.57 -15.02 -0.80
C ASN A 109 4.46 -14.36 -1.61
N ASP A 110 3.69 -15.21 -2.31
CA ASP A 110 2.53 -14.76 -3.05
C ASP A 110 1.32 -14.90 -2.12
N ILE A 111 0.71 -13.80 -1.76
CA ILE A 111 -0.42 -13.82 -0.84
C ILE A 111 -1.59 -14.67 -1.38
N LEU A 112 -1.66 -14.82 -2.69
CA LEU A 112 -2.74 -15.61 -3.29
C LEU A 112 -2.55 -17.11 -3.13
N THR A 113 -1.35 -17.54 -2.74
CA THR A 113 -1.10 -18.97 -2.49
C THR A 113 -0.74 -19.27 -1.03
N LYS A 114 -0.37 -18.24 -0.29
CA LYS A 114 0.00 -18.37 1.11
C LYS A 114 -1.15 -18.96 1.94
N GLU A 115 -0.82 -19.86 2.85
CA GLU A 115 -1.82 -20.44 3.73
C GLU A 115 -1.71 -19.88 5.14
N PHE A 116 -2.83 -19.43 5.68
CA PHE A 116 -2.95 -19.03 7.07
C PHE A 116 -4.17 -19.74 7.63
N PRO A 117 -4.17 -20.00 8.94
CA PRO A 117 -5.36 -20.57 9.59
C PRO A 117 -6.53 -19.58 9.53
N GLU A 118 -7.74 -20.12 9.54
CA GLU A 118 -8.94 -19.32 9.68
C GLU A 118 -8.93 -18.65 11.06
N ASN A 119 -9.57 -17.48 11.16
CA ASN A 119 -9.77 -16.81 12.44
C ASN A 119 -8.45 -16.53 13.14
N ASN A 120 -7.50 -15.98 12.39
CA ASN A 120 -6.14 -15.83 12.86
C ASN A 120 -5.73 -14.41 13.25
N PHE A 121 -6.20 -13.42 12.49
CA PHE A 121 -5.67 -12.06 12.63
C PHE A 121 -6.66 -11.08 13.24
N ASP A 122 -6.15 -10.19 14.08
CA ASP A 122 -6.94 -9.09 14.62
C ASP A 122 -7.06 -7.95 13.62
N LEU A 123 -6.02 -7.77 12.82
CA LEU A 123 -6.03 -6.71 11.81
C LEU A 123 -5.36 -7.25 10.57
N ILE A 124 -6.00 -7.07 9.41
CA ILE A 124 -5.35 -7.27 8.14
C ILE A 124 -5.24 -5.90 7.49
N TYR A 125 -4.01 -5.50 7.16
CA TYR A 125 -3.69 -4.13 6.78
C TYR A 125 -3.03 -4.18 5.42
N SER A 126 -3.39 -3.29 4.52
CA SER A 126 -2.73 -3.25 3.22
C SER A 126 -2.69 -1.84 2.68
N ARG A 127 -1.51 -1.41 2.27
CA ARG A 127 -1.30 -0.04 1.81
C ARG A 127 -0.79 -0.01 0.37
N ASP A 128 -1.67 0.38 -0.56
CA ASP A 128 -1.30 0.65 -1.94
C ASP A 128 -0.61 -0.52 -2.60
N ALA A 129 -1.18 -1.70 -2.41
CA ALA A 129 -0.58 -2.95 -2.87
C ALA A 129 -1.52 -3.82 -3.70
N ILE A 130 -2.82 -3.65 -3.51
CA ILE A 130 -3.77 -4.57 -4.15
C ILE A 130 -4.07 -4.17 -5.61
N LEU A 131 -3.66 -2.96 -5.96
CA LEU A 131 -3.75 -2.47 -7.34
C LEU A 131 -3.03 -3.35 -8.37
N HIS A 132 -2.08 -4.18 -7.93
CA HIS A 132 -1.38 -5.06 -8.85
C HIS A 132 -2.22 -6.26 -9.26
N LEU A 133 -3.26 -6.55 -8.49
CA LEU A 133 -4.06 -7.76 -8.72
CA LEU A 133 -4.06 -7.76 -8.72
C LEU A 133 -5.17 -7.54 -9.73
N SER A 134 -5.38 -8.54 -10.59
CA SER A 134 -6.52 -8.50 -11.49
C SER A 134 -7.81 -8.47 -10.69
N LEU A 135 -8.89 -8.07 -11.32
CA LEU A 135 -10.17 -8.01 -10.62
C LEU A 135 -10.55 -9.38 -10.04
N GLU A 136 -10.37 -10.43 -10.84
CA GLU A 136 -10.60 -11.78 -10.37
C GLU A 136 -9.81 -12.07 -9.10
N ASN A 137 -8.55 -11.65 -9.09
CA ASN A 137 -7.70 -11.93 -7.94
C ASN A 137 -7.95 -11.03 -6.73
N LYS A 138 -8.43 -9.81 -6.96
CA LYS A 138 -8.86 -8.96 -5.84
C LYS A 138 -9.97 -9.67 -5.06
N ASN A 139 -10.95 -10.21 -5.78
CA ASN A 139 -12.06 -10.90 -5.12
C ASN A 139 -11.56 -12.13 -4.37
N LYS A 140 -10.68 -12.90 -5.01
CA LYS A 140 -10.08 -14.07 -4.38
C LYS A 140 -9.33 -13.69 -3.12
N LEU A 141 -8.58 -12.59 -3.17
CA LEU A 141 -7.82 -12.17 -1.99
C LEU A 141 -8.75 -11.80 -0.84
N PHE A 142 -9.80 -11.04 -1.13
CA PHE A 142 -10.65 -10.60 -0.03
C PHE A 142 -11.46 -11.74 0.58
N GLN A 143 -11.74 -12.78 -0.21
CA GLN A 143 -12.36 -13.98 0.35
C GLN A 143 -11.41 -14.65 1.33
N LYS A 144 -10.12 -14.67 0.99
CA LYS A 144 -9.12 -15.22 1.88
C LYS A 144 -9.01 -14.38 3.16
N CYS A 145 -9.01 -13.07 2.97
CA CYS A 145 -8.93 -12.16 4.12
C CYS A 145 -10.10 -12.38 5.07
N TYR A 146 -11.30 -12.55 4.52
CA TYR A 146 -12.48 -12.81 5.35
C TYR A 146 -12.25 -14.03 6.23
N LYS A 147 -11.77 -15.12 5.63
CA LYS A 147 -11.48 -16.34 6.40
C LYS A 147 -10.41 -16.12 7.46
N TRP A 148 -9.33 -15.43 7.08
CA TRP A 148 -8.18 -15.26 7.97
C TRP A 148 -8.42 -14.34 9.18
N LEU A 149 -9.39 -13.45 9.06
CA LEU A 149 -9.72 -12.54 10.15
CA LEU A 149 -9.72 -12.53 10.13
C LEU A 149 -10.37 -13.26 11.31
N LYS A 150 -10.02 -12.85 12.52
CA LYS A 150 -10.75 -13.34 13.68
C LYS A 150 -12.17 -12.77 13.60
N PRO A 151 -13.11 -13.41 14.30
CA PRO A 151 -14.48 -12.90 14.32
C PRO A 151 -14.53 -11.43 14.74
N THR A 152 -13.61 -11.02 15.60
CA THR A 152 -13.54 -9.64 16.11
C THR A 152 -12.60 -8.75 15.31
N GLY A 153 -12.09 -9.27 14.21
CA GLY A 153 -11.05 -8.59 13.46
C GLY A 153 -11.50 -7.50 12.50
N THR A 154 -10.54 -6.72 12.04
CA THR A 154 -10.77 -5.59 11.15
C THR A 154 -9.89 -5.68 9.90
N LEU A 155 -10.45 -5.34 8.76
CA LEU A 155 -9.72 -5.18 7.51
C LEU A 155 -9.54 -3.69 7.26
N LEU A 156 -8.31 -3.26 6.96
CA LEU A 156 -8.00 -1.84 6.79
C LEU A 156 -7.10 -1.67 5.58
N ILE A 157 -7.57 -0.96 4.55
CA ILE A 157 -6.89 -0.89 3.26
C ILE A 157 -6.85 0.52 2.73
N THR A 158 -5.73 0.93 2.12
CA THR A 158 -5.78 2.02 1.16
C THR A 158 -5.32 1.44 -0.16
N ASP A 159 -5.85 1.97 -1.27
CA ASP A 159 -5.40 1.48 -2.55
C ASP A 159 -5.64 2.54 -3.62
N TYR A 160 -4.87 2.42 -4.69
CA TYR A 160 -5.06 3.27 -5.85
C TYR A 160 -6.35 2.87 -6.53
N CYS A 161 -7.18 3.85 -6.82
CA CYS A 161 -8.45 3.66 -7.51
C CYS A 161 -8.53 4.64 -8.67
N ALA A 162 -9.66 4.68 -9.36
CA ALA A 162 -9.79 5.57 -10.49
C ALA A 162 -11.24 5.86 -10.79
N THR A 163 -11.46 6.87 -11.62
CA THR A 163 -12.77 7.11 -12.22
C THR A 163 -13.06 5.95 -13.17
N GLU A 164 -14.29 5.85 -13.63
CA GLU A 164 -14.65 4.82 -14.60
C GLU A 164 -13.74 4.89 -15.83
N LYS A 165 -13.43 3.74 -16.39
CA LYS A 165 -12.45 3.65 -17.46
C LYS A 165 -12.84 4.46 -18.70
N GLU A 166 -14.15 4.62 -18.92
CA GLU A 166 -14.66 5.39 -20.04
C GLU A 166 -14.18 6.85 -20.01
N ASN A 167 -13.78 7.31 -18.83
CA ASN A 167 -13.36 8.70 -18.63
C ASN A 167 -11.85 8.92 -18.70
N TRP A 168 -11.06 7.86 -18.86
CA TRP A 168 -9.61 7.99 -18.79
C TRP A 168 -9.08 8.68 -20.03
N ASP A 169 -8.07 9.53 -19.85
CA ASP A 169 -7.41 10.13 -21.01
C ASP A 169 -6.19 9.33 -21.44
N ASP A 170 -5.55 9.77 -22.53
CA ASP A 170 -4.45 9.02 -23.13
C ASP A 170 -3.31 8.77 -22.16
N GLU A 171 -2.89 9.83 -21.48
CA GLU A 171 -1.76 9.73 -20.55
C GLU A 171 -2.06 8.77 -19.40
N PHE A 172 -3.29 8.81 -18.88
CA PHE A 172 -3.64 7.96 -17.77
C PHE A 172 -3.75 6.51 -18.22
N LYS A 173 -4.35 6.28 -19.40
CA LYS A 173 -4.40 4.94 -19.97
C LYS A 173 -2.99 4.35 -20.07
N GLU A 174 -2.03 5.15 -20.54
CA GLU A 174 -0.66 4.69 -20.72
C GLU A 174 0.03 4.35 -19.40
N TYR A 175 -0.20 5.18 -18.38
CA TYR A 175 0.32 4.92 -17.05
C TYR A 175 -0.20 3.60 -16.51
N VAL A 176 -1.52 3.41 -16.55
CA VAL A 176 -2.11 2.18 -16.04
C VAL A 176 -1.56 0.96 -16.79
N LYS A 177 -1.45 1.10 -18.11
CA LYS A 177 -0.95 0.00 -18.95
C LYS A 177 0.50 -0.36 -18.63
N GLN A 178 1.34 0.66 -18.50
CA GLN A 178 2.76 0.46 -18.23
C GLN A 178 2.98 -0.17 -16.86
N ARG A 179 2.17 0.25 -15.87
CA ARG A 179 2.27 -0.27 -14.52
C ARG A 179 1.63 -1.65 -14.37
N LYS A 180 0.78 -2.01 -15.34
CA LYS A 180 -0.05 -3.23 -15.28
C LYS A 180 -0.99 -3.24 -14.08
N TYR A 181 -1.42 -2.06 -13.65
CA TYR A 181 -2.40 -1.98 -12.58
C TYR A 181 -3.79 -2.37 -13.07
N THR A 182 -4.60 -2.86 -12.14
CA THR A 182 -6.04 -2.93 -12.36
C THR A 182 -6.67 -1.94 -11.41
N LEU A 183 -7.08 -0.78 -11.94
CA LEU A 183 -7.68 0.26 -11.10
C LEU A 183 -9.18 0.30 -11.29
N ILE A 184 -9.91 0.11 -10.20
CA ILE A 184 -11.37 0.15 -10.21
C ILE A 184 -11.84 1.36 -9.43
N THR A 185 -13.15 1.62 -9.46
CA THR A 185 -13.67 2.78 -8.73
C THR A 185 -13.72 2.47 -7.25
N VAL A 186 -13.74 3.51 -6.43
CA VAL A 186 -13.90 3.31 -4.99
C VAL A 186 -15.19 2.54 -4.72
N GLU A 187 -16.23 2.84 -5.49
CA GLU A 187 -17.52 2.18 -5.33
C GLU A 187 -17.49 0.68 -5.69
N GLU A 188 -16.82 0.33 -6.76
CA GLU A 188 -16.68 -1.06 -7.10
C GLU A 188 -15.91 -1.84 -6.04
N TYR A 189 -14.89 -1.21 -5.51
CA TYR A 189 -14.07 -1.81 -4.49
C TYR A 189 -14.92 -2.12 -3.25
N ALA A 190 -15.72 -1.15 -2.82
CA ALA A 190 -16.60 -1.35 -1.66
C ALA A 190 -17.57 -2.49 -1.93
N ASP A 191 -18.05 -2.58 -3.16
CA ASP A 191 -18.97 -3.67 -3.54
C ASP A 191 -18.32 -5.04 -3.45
N ILE A 192 -17.04 -5.16 -3.79
CA ILE A 192 -16.35 -6.43 -3.61
C ILE A 192 -16.31 -6.82 -2.14
N LEU A 193 -15.95 -5.89 -1.27
CA LEU A 193 -15.91 -6.19 0.15
C LEU A 193 -17.27 -6.63 0.68
N THR A 194 -18.33 -5.96 0.23
CA THR A 194 -19.69 -6.36 0.61
CA THR A 194 -19.67 -6.38 0.64
C THR A 194 -20.03 -7.75 0.10
N ALA A 195 -19.64 -8.04 -1.14
CA ALA A 195 -19.91 -9.36 -1.73
C ALA A 195 -19.17 -10.47 -0.99
N CYS A 196 -18.05 -10.12 -0.35
CA CYS A 196 -17.25 -11.06 0.43
C CYS A 196 -17.76 -11.20 1.85
N ASN A 197 -18.86 -10.56 2.13
CA ASN A 197 -19.53 -10.70 3.38
C ASN A 197 -19.00 -9.88 4.53
N PHE A 198 -18.11 -8.95 4.23
CA PHE A 198 -17.64 -8.06 5.26
C PHE A 198 -18.77 -7.19 5.78
N LYS A 199 -18.68 -6.81 7.04
CA LYS A 199 -19.72 -6.00 7.66
C LYS A 199 -19.19 -4.60 7.91
N ASN A 200 -20.09 -3.66 8.14
CA ASN A 200 -19.69 -2.30 8.49
C ASN A 200 -18.67 -1.75 7.53
N VAL A 201 -18.91 -1.99 6.24
CA VAL A 201 -17.96 -1.55 5.22
C VAL A 201 -18.00 -0.03 5.09
N VAL A 202 -16.88 0.60 5.42
CA VAL A 202 -16.74 2.03 5.29
C VAL A 202 -15.76 2.29 4.17
N SER A 203 -16.20 3.03 3.15
CA SER A 203 -15.28 3.44 2.10
C SER A 203 -15.22 4.95 2.06
N LYS A 204 -14.03 5.46 1.85
CA LYS A 204 -13.83 6.90 1.74
C LYS A 204 -13.01 7.21 0.52
N ASP A 205 -13.49 8.14 -0.30
CA ASP A 205 -12.66 8.66 -1.37
C ASP A 205 -11.77 9.72 -0.75
N LEU A 206 -10.49 9.37 -0.55
CA LEU A 206 -9.53 10.27 0.09
C LEU A 206 -8.62 10.93 -0.92
N SER A 207 -9.15 11.18 -2.11
CA SER A 207 -8.32 11.76 -3.17
C SER A 207 -7.77 13.13 -2.80
N ASP A 208 -8.55 13.93 -2.07
CA ASP A 208 -8.10 15.28 -1.70
C ASP A 208 -6.94 15.19 -0.70
N TYR A 209 -7.07 14.30 0.28
CA TYR A 209 -5.99 14.10 1.23
C TYR A 209 -4.77 13.54 0.50
N TRP A 210 -5.00 12.60 -0.41
CA TRP A 210 -3.89 12.04 -1.19
C TRP A 210 -3.17 13.17 -1.95
N ASN A 211 -3.95 14.07 -2.54
CA ASN A 211 -3.39 15.21 -3.25
C ASN A 211 -2.51 16.06 -2.32
N GLN A 212 -2.96 16.26 -1.08
CA GLN A 212 -2.15 17.00 -0.10
C GLN A 212 -0.83 16.27 0.18
N LEU A 213 -0.92 14.94 0.34
CA LEU A 213 0.27 14.13 0.60
C LEU A 213 1.25 14.21 -0.55
N LEU A 214 0.73 14.14 -1.77
CA LEU A 214 1.54 14.23 -2.98
C LEU A 214 2.23 15.59 -3.08
N GLU A 215 1.54 16.65 -2.69
CA GLU A 215 2.11 17.99 -2.76
C GLU A 215 3.26 18.17 -1.78
N VAL A 216 3.13 17.59 -0.59
CA VAL A 216 4.19 17.63 0.40
C VAL A 216 5.41 16.88 -0.12
N GLU A 217 5.17 15.68 -0.67
CA GLU A 217 6.22 14.88 -1.27
C GLU A 217 6.89 15.61 -2.44
N HIS A 218 6.10 16.25 -3.29
CA HIS A 218 6.62 16.96 -4.45
C HIS A 218 7.51 18.12 -4.01
N LYS A 219 7.05 18.87 -3.02
CA LYS A 219 7.83 19.99 -2.49
C LYS A 219 9.15 19.48 -1.91
N TYR A 220 9.08 18.39 -1.15
CA TYR A 220 10.29 17.80 -0.60
C TYR A 220 11.30 17.44 -1.69
N LEU A 221 10.82 16.82 -2.76
CA LEU A 221 11.69 16.45 -3.87
C LEU A 221 12.40 17.67 -4.45
N HIS A 222 11.65 18.74 -4.69
CA HIS A 222 12.22 19.96 -5.26
C HIS A 222 13.23 20.60 -4.32
N GLU A 223 12.93 20.59 -3.03
CA GLU A 223 13.81 21.23 -2.05
C GLU A 223 15.07 20.42 -1.78
N ASN A 224 15.03 19.13 -2.09
CA ASN A 224 16.19 18.26 -1.89
C ASN A 224 16.74 17.70 -3.21
N LYS A 225 16.55 18.46 -4.28
CA LYS A 225 17.03 18.04 -5.59
C LYS A 225 18.53 17.73 -5.61
N GLU A 226 19.34 18.59 -5.00
CA GLU A 226 20.78 18.39 -5.03
C GLU A 226 21.16 17.03 -4.42
N GLU A 227 20.57 16.71 -3.28
CA GLU A 227 20.84 15.42 -2.64
C GLU A 227 20.36 14.27 -3.51
N PHE A 228 19.18 14.43 -4.12
CA PHE A 228 18.66 13.39 -4.99
C PHE A 228 19.61 13.11 -6.15
N LEU A 229 20.14 14.16 -6.76
CA LEU A 229 21.02 13.99 -7.91
C LEU A 229 22.33 13.32 -7.53
N LYS A 230 22.80 13.57 -6.31
CA LYS A 230 24.00 12.90 -5.82
C LYS A 230 23.76 11.40 -5.65
N LEU A 231 22.58 11.04 -5.17
CA LEU A 231 22.24 9.63 -4.93
C LEU A 231 21.85 8.87 -6.18
N PHE A 232 21.18 9.56 -7.11
CA PHE A 232 20.59 8.92 -8.24
C PHE A 232 21.10 9.53 -9.53
N SER A 233 20.23 10.13 -10.31
CA SER A 233 20.61 10.75 -11.57
C SER A 233 19.54 11.75 -11.96
N GLU A 234 19.86 12.64 -12.89
CA GLU A 234 18.90 13.63 -13.35
C GLU A 234 17.74 12.94 -14.08
N LYS A 235 18.05 11.91 -14.86
CA LYS A 235 17.01 11.17 -15.57
C LYS A 235 15.96 10.64 -14.61
N LYS A 236 16.40 10.05 -13.50
CA LYS A 236 15.47 9.53 -12.51
C LYS A 236 14.72 10.63 -11.78
N PHE A 237 15.37 11.78 -11.58
CA PHE A 237 14.71 12.91 -10.96
C PHE A 237 13.54 13.39 -11.83
N ILE A 238 13.81 13.52 -13.13
CA ILE A 238 12.80 14.02 -14.05
C ILE A 238 11.59 13.08 -14.11
N SER A 239 11.86 11.78 -14.17
CA SER A 239 10.79 10.79 -14.18
CA SER A 239 10.78 10.79 -14.19
C SER A 239 9.94 10.87 -12.93
N LEU A 240 10.59 10.97 -11.78
CA LEU A 240 9.87 11.06 -10.51
C LEU A 240 9.08 12.35 -10.40
N ASP A 241 9.71 13.47 -10.75
CA ASP A 241 9.08 14.78 -10.76
C ASP A 241 7.83 14.78 -11.64
N ASP A 242 7.97 14.30 -12.87
CA ASP A 242 6.85 14.24 -13.80
C ASP A 242 5.75 13.30 -13.30
N GLY A 243 6.13 12.18 -12.72
CA GLY A 243 5.15 11.21 -12.25
C GLY A 243 4.30 11.79 -11.14
N TRP A 244 4.94 12.51 -10.22
CA TRP A 244 4.20 13.16 -9.14
C TRP A 244 3.34 14.30 -9.66
N SER A 245 3.86 15.06 -10.64
CA SER A 245 3.07 16.13 -11.25
CA SER A 245 3.09 16.13 -11.26
C SER A 245 1.77 15.57 -11.83
N ARG A 246 1.87 14.45 -12.54
CA ARG A 246 0.64 13.86 -13.11
C ARG A 246 -0.33 13.39 -12.03
N LYS A 247 0.18 12.74 -10.99
CA LYS A 247 -0.71 12.28 -9.92
C LYS A 247 -1.40 13.45 -9.22
N ILE A 248 -0.68 14.57 -9.08
CA ILE A 248 -1.28 15.75 -8.47
C ILE A 248 -2.42 16.27 -9.35
N LYS A 249 -2.15 16.41 -10.64
CA LYS A 249 -3.17 16.85 -11.59
CA LYS A 249 -3.18 16.86 -11.58
C LYS A 249 -4.35 15.89 -11.63
N ASP A 250 -4.06 14.60 -11.72
CA ASP A 250 -5.13 13.62 -11.89
C ASP A 250 -5.95 13.35 -10.63
N SER A 251 -5.34 13.53 -9.46
CA SER A 251 -6.12 13.43 -8.22
C SER A 251 -7.01 14.66 -8.01
N LYS A 252 -6.52 15.84 -8.41
CA LYS A 252 -7.30 17.06 -8.28
C LYS A 252 -8.62 16.93 -9.04
N ARG A 253 -8.56 16.33 -10.22
CA ARG A 253 -9.76 16.20 -11.04
C ARG A 253 -10.42 14.82 -10.92
N LYS A 254 -9.96 14.03 -9.95
CA LYS A 254 -10.59 12.75 -9.62
C LYS A 254 -10.53 11.71 -10.74
N MET A 255 -9.55 11.84 -11.63
CA MET A 255 -9.30 10.76 -12.59
C MET A 255 -8.57 9.59 -11.92
N GLN A 256 -7.50 9.92 -11.19
CA GLN A 256 -6.86 8.94 -10.34
C GLN A 256 -7.30 9.24 -8.91
N ARG A 257 -7.77 8.20 -8.20
CA ARG A 257 -8.36 8.38 -6.89
C ARG A 257 -7.62 7.57 -5.85
N TRP A 258 -7.82 7.91 -4.58
CA TRP A 258 -7.20 7.15 -3.49
C TRP A 258 -8.31 6.68 -2.58
N GLY A 259 -8.44 5.37 -2.46
CA GLY A 259 -9.52 4.81 -1.68
C GLY A 259 -9.07 4.28 -0.33
N TYR A 260 -9.88 4.53 0.68
CA TYR A 260 -9.70 3.99 2.02
C TYR A 260 -10.88 3.09 2.31
N PHE A 261 -10.61 1.92 2.91
CA PHE A 261 -11.65 0.95 3.21
C PHE A 261 -11.38 0.34 4.57
N LYS A 262 -12.41 0.29 5.39
CA LYS A 262 -12.34 -0.38 6.68
C LYS A 262 -13.58 -1.25 6.83
N ALA A 263 -13.41 -2.48 7.27
CA ALA A 263 -14.56 -3.36 7.41
C ALA A 263 -14.29 -4.37 8.50
N THR A 264 -15.33 -5.08 8.93
CA THR A 264 -15.16 -6.07 9.98
C THR A 264 -15.73 -7.42 9.55
N LYS A 265 -15.32 -8.47 10.26
CA LYS A 265 -15.85 -9.80 9.95
C LYS A 265 -17.27 -9.98 10.48
N ASN A 266 -17.54 -9.46 11.68
CA ASN A 266 -18.88 -9.49 12.27
C ASN A 266 -19.32 -8.13 12.79
#